data_3F1C
#
_entry.id   3F1C
#
_cell.length_a   157.202
_cell.length_b   45.938
_cell.length_c   79.007
_cell.angle_alpha   90.00
_cell.angle_beta   108.89
_cell.angle_gamma   90.00
#
_symmetry.space_group_name_H-M   'C 1 2 1'
#
loop_
_entity.id
_entity.type
_entity.pdbx_description
1 polymer 'Putative 2-C-methyl-D-erythritol 4-phosphate cytidylyltransferase 2'
2 water water
#
_entity_poly.entity_id   1
_entity_poly.type   'polypeptide(L)'
_entity_poly.pdbx_seq_one_letter_code
;MSLIYAQILAGGKGTRMGNVSMPKQFLPLNGKPIIVHTVEKFILNTRFDKILISSPKEWMNHAEDNIKKYISDDRIVVIE
GGEDRNETIMNGIRFVEKTYGLTDDDIIVTHDAVRPFLTHRIIEENIDAALETGAVDTVIEALDTIVESSNHEVITDIPV
RDHMYQGQTPQSFNMKKVFNHYQNLTPEKKQILTDACKICLLAGDDVKLVKGEIFNIKITTPYDLKVANAIIQERIANEG
HHHHHH
;
_entity_poly.pdbx_strand_id   A,B
#
# COMPACT_ATOMS: atom_id res chain seq x y z
N SER A 2 -10.06 -22.61 -27.60
CA SER A 2 -10.09 -21.61 -26.49
C SER A 2 -9.62 -20.23 -26.96
N LEU A 3 -10.54 -19.27 -26.92
CA LEU A 3 -10.24 -17.88 -27.30
C LEU A 3 -9.96 -17.01 -26.07
N ILE A 4 -9.03 -16.07 -26.24
CA ILE A 4 -8.50 -15.29 -25.12
C ILE A 4 -8.78 -13.81 -25.35
N TYR A 5 -9.43 -13.19 -24.38
CA TYR A 5 -9.89 -11.81 -24.50
C TYR A 5 -9.29 -10.96 -23.40
N ALA A 6 -9.10 -9.68 -23.70
CA ALA A 6 -8.79 -8.69 -22.67
C ALA A 6 -9.94 -7.70 -22.50
N GLN A 7 -10.12 -7.21 -21.27
CA GLN A 7 -11.05 -6.11 -21.00
C GLN A 7 -10.39 -5.04 -20.13
N ILE A 8 -10.31 -3.83 -20.65
CA ILE A 8 -9.68 -2.75 -19.93
C ILE A 8 -10.77 -1.79 -19.41
N LEU A 9 -10.80 -1.58 -18.09
CA LEU A 9 -11.95 -0.99 -17.44
C LEU A 9 -11.59 0.32 -16.75
N ALA A 10 -12.46 1.31 -16.86
CA ALA A 10 -12.40 2.48 -16.00
C ALA A 10 -13.63 2.58 -15.11
N GLY A 11 -13.47 3.18 -13.93
CA GLY A 11 -14.54 3.25 -12.96
C GLY A 11 -15.37 1.99 -12.91
N MET A 17 -17.14 13.47 -8.44
CA MET A 17 -18.19 13.01 -9.32
C MET A 17 -19.28 12.27 -8.54
N ASN A 19 -20.09 11.41 -10.59
CA ASN A 19 -20.27 10.57 -11.78
C ASN A 19 -20.02 11.34 -13.07
N VAL A 20 -19.48 12.55 -12.94
CA VAL A 20 -19.44 13.48 -14.03
C VAL A 20 -18.01 13.70 -14.44
N SER A 21 -17.10 13.28 -13.58
CA SER A 21 -15.65 13.43 -13.83
C SER A 21 -15.21 12.78 -15.15
N MET A 22 -14.23 13.41 -15.80
CA MET A 22 -13.59 12.80 -16.98
C MET A 22 -12.78 11.61 -16.46
N PRO A 23 -12.93 10.43 -17.10
CA PRO A 23 -12.10 9.28 -16.70
C PRO A 23 -10.62 9.63 -16.66
N LYS A 24 -9.95 9.24 -15.58
CA LYS A 24 -8.56 9.59 -15.37
C LYS A 24 -7.58 8.98 -16.38
N GLN A 25 -8.01 7.92 -17.06
CA GLN A 25 -7.17 7.24 -18.06
C GLN A 25 -6.93 8.09 -19.30
N PHE A 26 -7.71 9.16 -19.44
CA PHE A 26 -7.56 10.09 -20.56
C PHE A 26 -6.52 11.17 -20.31
N LEU A 27 -6.06 11.26 -19.06
CA LEU A 27 -4.97 12.16 -18.69
C LEU A 27 -3.66 11.74 -19.34
N PRO A 28 -2.86 12.72 -19.81
CA PRO A 28 -1.55 12.43 -20.37
C PRO A 28 -0.51 12.02 -19.34
N LEU A 29 0.35 11.10 -19.77
CA LEU A 29 1.48 10.65 -19.00
C LEU A 29 2.63 10.63 -20.00
N ASN A 30 3.63 11.48 -19.76
CA ASN A 30 4.75 11.67 -20.69
C ASN A 30 4.29 11.90 -22.14
N GLY A 31 3.34 12.80 -22.31
CA GLY A 31 2.89 13.21 -23.64
C GLY A 31 1.80 12.39 -24.31
N LYS A 32 1.31 11.35 -23.65
CA LYS A 32 0.26 10.52 -24.23
C LYS A 32 -0.70 9.95 -23.19
N PRO A 33 -1.98 9.77 -23.56
CA PRO A 33 -2.99 9.31 -22.60
C PRO A 33 -2.65 8.01 -21.86
N ILE A 34 -3.04 7.93 -20.58
CA ILE A 34 -2.79 6.76 -19.72
C ILE A 34 -3.32 5.45 -20.32
N ILE A 35 -4.54 5.52 -20.87
CA ILE A 35 -5.18 4.38 -21.55
C ILE A 35 -4.30 3.79 -22.68
N VAL A 36 -3.58 4.65 -23.41
CA VAL A 36 -2.71 4.23 -24.52
C VAL A 36 -1.51 3.41 -24.03
N HIS A 37 -0.82 3.91 -23.02
CA HIS A 37 0.21 3.17 -22.29
C HIS A 37 -0.26 1.78 -21.88
N THR A 38 -1.48 1.71 -21.32
CA THR A 38 -2.05 0.44 -20.85
C THR A 38 -2.40 -0.52 -22.00
N VAL A 39 -3.13 0.00 -22.99
CA VAL A 39 -3.56 -0.78 -24.17
C VAL A 39 -2.38 -1.35 -24.98
N GLU A 40 -1.29 -0.57 -25.08
CA GLU A 40 -0.04 -0.94 -25.71
C GLU A 40 0.54 -2.27 -25.20
N LYS A 41 0.52 -2.46 -23.87
CA LYS A 41 0.97 -3.71 -23.24
C LYS A 41 0.16 -4.94 -23.63
N PHE A 42 -1.14 -4.75 -23.80
CA PHE A 42 -2.03 -5.82 -24.25
C PHE A 42 -1.87 -6.13 -25.74
N ILE A 43 -1.52 -5.11 -26.52
CA ILE A 43 -1.28 -5.26 -27.96
C ILE A 43 0.01 -6.02 -28.27
N LEU A 44 0.98 -5.89 -27.39
CA LEU A 44 2.21 -6.68 -27.45
C LEU A 44 2.02 -8.16 -27.07
N ASN A 45 0.83 -8.52 -26.59
CA ASN A 45 0.52 -9.92 -26.39
C ASN A 45 -0.33 -10.41 -27.55
N THR A 46 0.20 -11.43 -28.22
CA THR A 46 -0.36 -11.90 -29.47
C THR A 46 -1.40 -13.01 -29.29
N ARG A 47 -1.62 -13.41 -28.04
CA ARG A 47 -2.62 -14.43 -27.71
C ARG A 47 -4.04 -13.86 -27.54
N PHE A 48 -4.14 -12.55 -27.32
CA PHE A 48 -5.45 -11.89 -27.29
C PHE A 48 -6.13 -11.85 -28.65
N ASP A 49 -7.36 -12.33 -28.65
CA ASP A 49 -8.17 -12.32 -29.86
CA ASP A 49 -8.22 -12.36 -29.84
C ASP A 49 -8.91 -11.00 -30.02
N LYS A 50 -9.46 -10.47 -28.92
CA LYS A 50 -10.04 -9.13 -28.91
C LYS A 50 -9.68 -8.37 -27.62
N ILE A 51 -9.36 -7.10 -27.78
CA ILE A 51 -9.05 -6.24 -26.65
C ILE A 51 -10.21 -5.25 -26.47
N LEU A 52 -11.07 -5.52 -25.48
CA LEU A 52 -12.22 -4.67 -25.19
C LEU A 52 -11.78 -3.51 -24.31
N ILE A 53 -12.26 -2.32 -24.65
CA ILE A 53 -12.05 -1.14 -23.79
C ILE A 53 -13.42 -0.62 -23.41
N SER A 54 -13.69 -0.63 -22.12
CA SER A 54 -14.97 -0.18 -21.61
C SER A 54 -14.91 1.29 -21.24
N SER A 55 -16.00 1.98 -21.55
CA SER A 55 -16.11 3.41 -21.37
C SER A 55 -17.56 3.74 -21.03
N PRO A 56 -17.78 4.76 -20.17
CA PRO A 56 -19.12 5.31 -20.02
C PRO A 56 -19.61 5.86 -21.36
N LYS A 57 -20.93 5.82 -21.55
CA LYS A 57 -21.57 6.17 -22.83
C LYS A 57 -21.14 7.52 -23.41
N GLU A 58 -20.93 8.50 -22.52
CA GLU A 58 -20.60 9.86 -22.96
CA GLU A 58 -20.57 9.87 -22.91
C GLU A 58 -19.13 9.99 -23.43
N TRP A 59 -18.27 9.07 -22.99
CA TRP A 59 -16.85 9.09 -23.39
C TRP A 59 -16.44 8.08 -24.46
N MET A 60 -17.41 7.37 -25.02
CA MET A 60 -17.18 6.33 -26.01
C MET A 60 -16.56 6.86 -27.30
N ASN A 61 -17.15 7.94 -27.82
CA ASN A 61 -16.65 8.59 -29.04
CA ASN A 61 -16.65 8.58 -29.04
C ASN A 61 -15.20 9.04 -28.87
N HIS A 62 -14.91 9.66 -27.73
CA HIS A 62 -13.55 10.11 -27.43
C HIS A 62 -12.58 8.95 -27.30
N ALA A 63 -13.00 7.88 -26.61
CA ALA A 63 -12.16 6.72 -26.41
C ALA A 63 -11.81 6.05 -27.74
N GLU A 64 -12.81 5.91 -28.63
CA GLU A 64 -12.60 5.29 -29.93
CA GLU A 64 -12.65 5.33 -29.98
C GLU A 64 -11.65 6.11 -30.82
N ASP A 65 -11.90 7.40 -30.95
CA ASP A 65 -11.07 8.28 -31.78
C ASP A 65 -9.66 8.45 -31.25
N ASN A 66 -9.53 8.52 -29.92
CA ASN A 66 -8.25 8.74 -29.27
C ASN A 66 -7.31 7.53 -29.37
N ILE A 67 -7.81 6.34 -29.07
CA ILE A 67 -7.04 5.09 -29.13
C ILE A 67 -6.53 4.83 -30.55
N LYS A 68 -7.40 5.07 -31.54
CA LYS A 68 -7.09 4.88 -32.95
C LYS A 68 -6.02 5.82 -33.54
N LYS A 69 -5.83 6.99 -32.95
CA LYS A 69 -4.77 7.87 -33.45
C LYS A 69 -3.38 7.46 -32.95
N TYR A 70 -3.33 6.66 -31.87
CA TYR A 70 -2.08 6.13 -31.35
C TYR A 70 -1.82 4.67 -31.68
N ILE A 71 -2.89 3.89 -31.85
CA ILE A 71 -2.77 2.44 -32.07
C ILE A 71 -3.65 1.94 -33.22
N SER A 72 -3.01 1.31 -34.21
CA SER A 72 -3.68 0.85 -35.43
C SER A 72 -4.06 -0.62 -35.41
N ASP A 73 -4.20 -1.19 -34.21
CA ASP A 73 -4.49 -2.62 -34.07
C ASP A 73 -5.98 -2.94 -34.24
N ASP A 74 -6.24 -4.04 -34.94
CA ASP A 74 -7.59 -4.42 -35.38
CA ASP A 74 -7.58 -4.43 -35.37
C ASP A 74 -8.45 -5.02 -34.27
N ARG A 75 -7.81 -5.55 -33.22
CA ARG A 75 -8.59 -6.23 -32.18
C ARG A 75 -9.09 -5.35 -31.03
N ILE A 76 -8.87 -4.04 -31.15
CA ILE A 76 -9.43 -3.06 -30.23
C ILE A 76 -10.88 -2.71 -30.57
N VAL A 77 -11.75 -2.83 -29.58
CA VAL A 77 -13.15 -2.42 -29.69
C VAL A 77 -13.58 -1.73 -28.40
N VAL A 78 -14.14 -0.52 -28.55
CA VAL A 78 -14.68 0.22 -27.44
C VAL A 78 -16.14 -0.19 -27.23
N ILE A 79 -16.47 -0.58 -26.00
CA ILE A 79 -17.83 -0.98 -25.64
C ILE A 79 -18.34 -0.19 -24.43
N GLU A 80 -19.63 -0.29 -24.17
CA GLU A 80 -20.27 0.49 -23.13
C GLU A 80 -20.11 -0.18 -21.76
N GLY A 81 -19.68 0.61 -20.79
CA GLY A 81 -19.56 0.15 -19.41
C GLY A 81 -20.90 0.08 -18.71
N GLY A 82 -20.89 -0.50 -17.50
CA GLY A 82 -22.05 -0.52 -16.62
C GLY A 82 -21.87 0.43 -15.44
N GLU A 83 -22.83 0.43 -14.52
CA GLU A 83 -22.77 1.23 -13.30
C GLU A 83 -21.76 0.67 -12.31
N ASP A 84 -21.60 -0.64 -12.36
CA ASP A 84 -20.75 -1.38 -11.46
C ASP A 84 -19.58 -1.90 -12.28
N ARG A 85 -18.43 -2.09 -11.63
CA ARG A 85 -17.28 -2.75 -12.25
C ARG A 85 -17.61 -4.20 -12.64
N ASN A 86 -18.35 -4.88 -11.77
CA ASN A 86 -18.87 -6.21 -12.07
C ASN A 86 -19.83 -6.24 -13.26
N GLU A 87 -20.77 -5.30 -13.31
CA GLU A 87 -21.72 -5.16 -14.43
CA GLU A 87 -21.71 -5.20 -14.43
C GLU A 87 -21.02 -4.83 -15.74
N THR A 88 -19.97 -4.01 -15.65
CA THR A 88 -19.12 -3.68 -16.80
C THR A 88 -18.43 -4.95 -17.32
N ILE A 89 -17.93 -5.78 -16.40
CA ILE A 89 -17.38 -7.10 -16.75
C ILE A 89 -18.42 -7.99 -17.43
N MET A 90 -19.62 -8.05 -16.84
CA MET A 90 -20.78 -8.79 -17.39
C MET A 90 -21.20 -8.29 -18.77
N ASN A 91 -21.05 -6.98 -18.99
CA ASN A 91 -21.30 -6.39 -20.31
C ASN A 91 -20.26 -6.80 -21.33
N GLY A 92 -19.03 -7.03 -20.87
CA GLY A 92 -17.96 -7.53 -21.71
C GLY A 92 -18.20 -8.97 -22.15
N ILE A 93 -18.68 -9.79 -21.23
CA ILE A 93 -19.03 -11.19 -21.54
C ILE A 93 -20.25 -11.23 -22.45
N ARG A 94 -21.23 -10.37 -22.18
CA ARG A 94 -22.43 -10.25 -23.03
C ARG A 94 -22.13 -9.77 -24.43
N PHE A 95 -21.16 -8.86 -24.56
CA PHE A 95 -20.72 -8.39 -25.87
C PHE A 95 -20.04 -9.50 -26.67
N VAL A 96 -19.16 -10.26 -26.02
CA VAL A 96 -18.41 -11.35 -26.65
C VAL A 96 -19.37 -12.44 -27.17
N GLU A 97 -20.32 -12.83 -26.32
CA GLU A 97 -21.34 -13.82 -26.62
C GLU A 97 -22.21 -13.44 -27.83
N LYS A 98 -22.59 -12.18 -27.91
CA LYS A 98 -23.43 -11.66 -28.99
C LYS A 98 -22.67 -11.52 -30.30
N THR A 99 -21.45 -10.98 -30.23
CA THR A 99 -20.68 -10.67 -31.44
C THR A 99 -19.86 -11.85 -31.95
N TYR A 100 -19.22 -12.58 -31.04
CA TYR A 100 -18.25 -13.61 -31.45
C TYR A 100 -18.68 -15.03 -31.07
N GLY A 101 -19.57 -15.12 -30.08
CA GLY A 101 -19.99 -16.42 -29.52
C GLY A 101 -19.10 -16.85 -28.36
N LEU A 102 -19.70 -17.56 -27.41
CA LEU A 102 -18.98 -18.06 -26.23
C LEU A 102 -18.82 -19.56 -26.23
N THR A 103 -17.64 -20.02 -25.82
CA THR A 103 -17.42 -21.43 -25.49
C THR A 103 -17.10 -21.54 -24.00
N ASP A 104 -16.90 -22.77 -23.52
CA ASP A 104 -16.65 -23.05 -22.11
C ASP A 104 -15.18 -22.84 -21.70
N ASP A 105 -14.31 -22.70 -22.70
CA ASP A 105 -12.88 -22.55 -22.46
C ASP A 105 -12.37 -21.11 -22.61
N ASP A 106 -13.27 -20.21 -22.99
CA ASP A 106 -12.94 -18.81 -23.23
C ASP A 106 -12.64 -18.05 -21.93
N ILE A 107 -11.49 -17.40 -21.90
CA ILE A 107 -11.04 -16.63 -20.72
C ILE A 107 -10.92 -15.13 -21.01
N ILE A 108 -11.02 -14.33 -19.96
CA ILE A 108 -10.94 -12.88 -20.05
C ILE A 108 -9.95 -12.33 -19.03
N VAL A 109 -9.05 -11.46 -19.48
CA VAL A 109 -8.11 -10.78 -18.61
C VAL A 109 -8.60 -9.34 -18.41
N THR A 110 -9.20 -9.07 -17.26
CA THR A 110 -9.74 -7.76 -16.94
C THR A 110 -8.66 -6.92 -16.26
N HIS A 111 -8.58 -5.63 -16.58
CA HIS A 111 -7.50 -4.79 -16.04
C HIS A 111 -7.86 -3.30 -15.95
N ASP A 112 -7.43 -2.63 -14.88
CA ASP A 112 -7.60 -1.19 -14.70
C ASP A 112 -6.89 -0.39 -15.79
N ALA A 113 -7.65 0.41 -16.51
CA ALA A 113 -7.14 1.40 -17.46
C ALA A 113 -6.04 2.31 -16.90
N VAL A 114 -6.15 2.67 -15.61
CA VAL A 114 -5.19 3.54 -14.92
C VAL A 114 -4.01 2.78 -14.28
N ARG A 115 -3.80 1.53 -14.69
CA ARG A 115 -2.58 0.79 -14.36
C ARG A 115 -1.71 0.51 -15.60
N PRO A 116 -0.91 1.51 -16.02
CA PRO A 116 -0.21 1.34 -17.28
C PRO A 116 1.10 0.55 -17.21
N PHE A 117 1.58 0.28 -15.99
CA PHE A 117 2.90 -0.32 -15.79
C PHE A 117 2.95 -1.84 -15.56
N LEU A 118 1.89 -2.55 -15.88
CA LEU A 118 1.96 -4.02 -15.87
C LEU A 118 2.97 -4.53 -16.91
N THR A 119 3.61 -5.64 -16.59
CA THR A 119 4.65 -6.18 -17.44
C THR A 119 4.08 -7.30 -18.31
N HIS A 120 4.88 -7.75 -19.28
CA HIS A 120 4.53 -8.88 -20.13
C HIS A 120 4.38 -10.18 -19.32
N ARG A 121 5.25 -10.37 -18.33
CA ARG A 121 5.16 -11.50 -17.41
C ARG A 121 3.81 -11.56 -16.70
N ILE A 122 3.41 -10.47 -16.07
CA ILE A 122 2.10 -10.36 -15.40
C ILE A 122 0.94 -10.77 -16.32
N ILE A 123 0.90 -10.22 -17.53
CA ILE A 123 -0.13 -10.62 -18.52
C ILE A 123 -0.08 -12.11 -18.90
N GLU A 124 1.12 -12.61 -19.21
CA GLU A 124 1.28 -14.03 -19.63
C GLU A 124 0.88 -15.02 -18.55
N GLU A 125 1.29 -14.73 -17.31
CA GLU A 125 0.95 -15.56 -16.16
C GLU A 125 -0.54 -15.52 -15.84
N ASN A 126 -1.17 -14.38 -16.07
CA ASN A 126 -2.62 -14.21 -15.93
C ASN A 126 -3.40 -15.05 -16.95
N ILE A 127 -2.92 -15.07 -18.19
CA ILE A 127 -3.50 -15.90 -19.24
C ILE A 127 -3.38 -17.39 -18.90
N ASP A 128 -2.17 -17.82 -18.52
CA ASP A 128 -1.89 -19.22 -18.22
C ASP A 128 -2.70 -19.74 -17.03
N ALA A 129 -2.80 -18.93 -15.98
CA ALA A 129 -3.52 -19.33 -14.77
C ALA A 129 -5.04 -19.33 -14.95
N ALA A 130 -5.56 -18.48 -15.84
CA ALA A 130 -7.01 -18.47 -16.11
C ALA A 130 -7.43 -19.69 -16.92
N LEU A 131 -6.52 -20.18 -17.77
CA LEU A 131 -6.72 -21.43 -18.50
C LEU A 131 -6.66 -22.65 -17.57
N GLU A 132 -5.85 -22.54 -16.51
CA GLU A 132 -5.70 -23.63 -15.53
C GLU A 132 -6.90 -23.72 -14.57
N THR A 133 -7.15 -22.65 -13.81
CA THR A 133 -8.17 -22.69 -12.74
C THR A 133 -9.44 -21.84 -12.97
N GLY A 134 -9.38 -20.91 -13.92
CA GLY A 134 -10.53 -20.07 -14.24
C GLY A 134 -10.80 -18.89 -13.32
N ALA A 135 -9.86 -18.59 -12.43
CA ALA A 135 -9.94 -17.44 -11.53
C ALA A 135 -8.55 -17.07 -11.06
N VAL A 136 -8.11 -15.85 -11.36
CA VAL A 136 -6.79 -15.37 -10.92
C VAL A 136 -6.81 -13.92 -10.42
N ASP A 137 -5.99 -13.66 -9.40
CA ASP A 137 -5.80 -12.32 -8.87
C ASP A 137 -4.32 -11.98 -8.96
N THR A 138 -4.03 -10.74 -9.35
CA THR A 138 -2.68 -10.22 -9.33
C THR A 138 -2.47 -9.52 -7.98
N VAL A 139 -1.46 -9.97 -7.24
CA VAL A 139 -1.20 -9.46 -5.90
C VAL A 139 0.28 -9.17 -5.68
N ILE A 140 0.59 -8.32 -4.69
CA ILE A 140 1.95 -8.21 -4.16
C ILE A 140 1.93 -8.38 -2.66
N GLU A 141 3.03 -8.87 -2.10
CA GLU A 141 3.23 -8.91 -0.65
C GLU A 141 2.99 -7.53 -0.07
N ALA A 142 2.16 -7.47 0.97
CA ALA A 142 1.82 -6.21 1.63
C ALA A 142 3.05 -5.42 2.06
N LEU A 143 3.15 -4.20 1.53
CA LEU A 143 4.29 -3.31 1.74
C LEU A 143 4.41 -2.82 3.19
N ASP A 144 3.30 -2.84 3.91
CA ASP A 144 3.23 -2.39 5.28
C ASP A 144 2.48 -3.40 6.15
N THR A 145 2.56 -3.20 7.46
CA THR A 145 1.83 -4.02 8.43
C THR A 145 0.34 -3.77 8.29
N ILE A 146 -0.40 -4.84 8.04
CA ILE A 146 -1.85 -4.74 7.94
C ILE A 146 -2.44 -4.88 9.34
N VAL A 147 -3.18 -3.86 9.78
CA VAL A 147 -3.90 -3.97 11.05
C VAL A 147 -5.39 -4.11 10.78
N GLU A 148 -6.03 -4.98 11.55
CA GLU A 148 -7.47 -5.19 11.49
C GLU A 148 -8.11 -4.40 12.63
N SER A 149 -9.15 -3.64 12.30
CA SER A 149 -9.98 -3.02 13.32
C SER A 149 -11.45 -3.03 12.90
N SER A 150 -12.24 -3.81 13.63
CA SER A 150 -13.67 -3.94 13.40
C SER A 150 -14.42 -2.69 13.83
N ASN A 151 -14.02 -2.13 14.98
CA ASN A 151 -14.68 -0.98 15.59
C ASN A 151 -14.14 0.38 15.13
N HIS A 152 -13.04 0.34 14.38
CA HIS A 152 -12.35 1.53 13.81
C HIS A 152 -11.74 2.49 14.85
N GLU A 153 -11.49 1.98 16.05
CA GLU A 153 -10.95 2.79 17.14
C GLU A 153 -9.73 2.15 17.81
N VAL A 154 -9.79 0.84 18.00
CA VAL A 154 -8.68 0.07 18.57
C VAL A 154 -8.33 -1.11 17.67
N ILE A 155 -7.07 -1.55 17.74
CA ILE A 155 -6.65 -2.74 17.00
C ILE A 155 -7.38 -3.99 17.52
N THR A 156 -7.97 -4.75 16.59
CA THR A 156 -8.59 -6.02 16.92
C THR A 156 -7.67 -7.20 16.61
N ASP A 157 -6.91 -7.08 15.52
CA ASP A 157 -5.88 -8.07 15.17
C ASP A 157 -4.76 -7.48 14.33
N ILE A 158 -3.58 -8.08 14.43
CA ILE A 158 -2.48 -7.88 13.49
C ILE A 158 -2.11 -9.28 13.00
N PRO A 159 -2.59 -9.66 11.78
CA PRO A 159 -2.36 -11.01 11.28
C PRO A 159 -0.93 -11.24 10.82
N VAL A 160 -0.53 -12.50 10.75
CA VAL A 160 0.81 -12.89 10.30
C VAL A 160 1.19 -12.26 8.98
N ARG A 161 2.35 -11.64 8.97
CA ARG A 161 2.85 -10.81 7.86
C ARG A 161 2.88 -11.55 6.52
N ASP A 162 3.40 -12.79 6.54
CA ASP A 162 3.58 -13.58 5.32
CA ASP A 162 3.57 -13.63 5.35
C ASP A 162 2.26 -13.96 4.65
N HIS A 163 1.16 -13.85 5.39
CA HIS A 163 -0.18 -14.12 4.88
C HIS A 163 -0.77 -12.95 4.10
N MET A 164 -0.25 -11.75 4.34
CA MET A 164 -0.87 -10.51 3.83
C MET A 164 -0.44 -10.08 2.42
N TYR A 165 -1.41 -9.88 1.55
CA TYR A 165 -1.17 -9.42 0.19
C TYR A 165 -2.01 -8.21 -0.16
N GLN A 166 -1.51 -7.39 -1.09
CA GLN A 166 -2.23 -6.23 -1.58
C GLN A 166 -2.75 -6.50 -2.99
N GLY A 167 -4.03 -6.24 -3.22
CA GLY A 167 -4.65 -6.50 -4.51
C GLY A 167 -4.27 -5.52 -5.61
N GLN A 168 -3.93 -6.06 -6.77
CA GLN A 168 -3.76 -5.28 -7.99
C GLN A 168 -4.68 -5.84 -9.07
N THR A 169 -4.46 -5.40 -10.30
CA THR A 169 -5.07 -6.04 -11.46
C THR A 169 -3.91 -6.39 -12.40
N PRO A 170 -4.12 -7.30 -13.39
CA PRO A 170 -5.29 -8.03 -13.87
C PRO A 170 -5.99 -8.97 -12.88
N GLN A 171 -7.25 -9.22 -13.17
CA GLN A 171 -8.02 -10.29 -12.54
C GLN A 171 -8.57 -11.05 -13.73
N SER A 172 -8.21 -12.31 -13.85
CA SER A 172 -8.57 -13.08 -15.03
C SER A 172 -9.49 -14.24 -14.68
N PHE A 173 -10.43 -14.51 -15.58
CA PHE A 173 -11.48 -15.48 -15.30
C PHE A 173 -11.82 -16.30 -16.52
N ASN A 174 -12.24 -17.54 -16.29
CA ASN A 174 -13.06 -18.27 -17.25
C ASN A 174 -14.37 -17.48 -17.37
N MET A 175 -14.73 -17.09 -18.59
CA MET A 175 -15.89 -16.21 -18.81
C MET A 175 -17.22 -16.78 -18.32
N LYS A 176 -17.54 -18.00 -18.73
CA LYS A 176 -18.80 -18.66 -18.36
C LYS A 176 -18.92 -18.87 -16.85
N LYS A 177 -17.84 -19.36 -16.23
CA LYS A 177 -17.73 -19.54 -14.78
C LYS A 177 -18.08 -18.29 -13.95
N VAL A 178 -17.40 -17.17 -14.22
CA VAL A 178 -17.63 -15.93 -13.47
C VAL A 178 -19.00 -15.31 -13.77
N PHE A 179 -19.47 -15.44 -15.02
CA PHE A 179 -20.80 -14.95 -15.40
C PHE A 179 -21.87 -15.70 -14.59
N ASN A 180 -21.76 -17.02 -14.56
CA ASN A 180 -22.63 -17.88 -13.75
C ASN A 180 -22.56 -17.59 -12.26
N HIS A 181 -21.33 -17.43 -11.74
CA HIS A 181 -21.13 -17.17 -10.30
C HIS A 181 -21.75 -15.85 -9.83
N TYR A 182 -21.63 -14.81 -10.67
CA TYR A 182 -22.23 -13.51 -10.39
C TYR A 182 -23.75 -13.59 -10.44
N GLN A 183 -24.29 -14.24 -11.48
CA GLN A 183 -25.74 -14.33 -11.69
C GLN A 183 -26.46 -15.11 -10.59
N ASN A 184 -25.75 -16.06 -9.99
CA ASN A 184 -26.26 -16.88 -8.88
C ASN A 184 -26.46 -16.12 -7.57
N LEU A 185 -25.83 -14.96 -7.46
CA LEU A 185 -25.91 -14.12 -6.27
C LEU A 185 -27.29 -13.52 -6.08
N THR A 186 -27.60 -13.14 -4.84
CA THR A 186 -28.82 -12.41 -4.52
C THR A 186 -28.62 -10.94 -4.90
N PRO A 187 -29.72 -10.17 -5.16
CA PRO A 187 -29.64 -8.75 -5.52
C PRO A 187 -28.69 -7.91 -4.67
N GLU A 188 -28.80 -8.01 -3.35
CA GLU A 188 -27.95 -7.21 -2.46
C GLU A 188 -26.55 -7.77 -2.25
N LYS A 189 -26.36 -9.05 -2.59
CA LYS A 189 -25.04 -9.67 -2.52
C LYS A 189 -24.19 -9.18 -3.69
N LYS A 190 -24.84 -8.82 -4.80
CA LYS A 190 -24.19 -8.17 -5.94
C LYS A 190 -23.69 -6.76 -5.57
N GLN A 191 -24.47 -6.07 -4.72
CA GLN A 191 -24.13 -4.74 -4.25
C GLN A 191 -23.01 -4.77 -3.20
N ILE A 192 -22.99 -5.83 -2.40
CA ILE A 192 -21.96 -6.03 -1.36
C ILE A 192 -20.63 -6.47 -1.98
N LEU A 193 -20.67 -7.53 -2.79
CA LEU A 193 -19.45 -8.14 -3.37
C LEU A 193 -18.92 -7.39 -4.60
N THR A 194 -18.09 -6.39 -4.35
CA THR A 194 -17.52 -5.55 -5.41
C THR A 194 -16.40 -6.26 -6.18
N ASP A 195 -15.65 -7.11 -5.47
CA ASP A 195 -14.53 -7.84 -6.03
C ASP A 195 -14.98 -9.13 -6.71
N ALA A 196 -14.65 -9.26 -7.99
CA ALA A 196 -15.01 -10.45 -8.77
C ALA A 196 -14.22 -11.71 -8.38
N CYS A 197 -13.03 -11.54 -7.80
CA CYS A 197 -12.24 -12.65 -7.28
C CYS A 197 -12.83 -13.20 -5.98
N LYS A 198 -13.48 -12.33 -5.21
CA LYS A 198 -14.15 -12.69 -3.96
C LYS A 198 -15.37 -13.56 -4.22
N ILE A 199 -16.12 -13.22 -5.28
CA ILE A 199 -17.28 -14.01 -5.75
C ILE A 199 -16.89 -15.45 -6.10
N CYS A 200 -15.78 -15.59 -6.84
CA CYS A 200 -15.22 -16.89 -7.19
C CYS A 200 -14.71 -17.66 -5.98
N LEU A 201 -14.12 -16.94 -5.01
CA LEU A 201 -13.65 -17.53 -3.76
C LEU A 201 -14.82 -18.11 -2.94
N LEU A 202 -15.89 -17.34 -2.81
CA LEU A 202 -17.07 -17.75 -2.04
C LEU A 202 -17.87 -18.87 -2.71
N ALA A 203 -17.74 -18.99 -4.04
CA ALA A 203 -18.37 -20.05 -4.81
C ALA A 203 -17.52 -21.34 -4.89
N GLY A 204 -16.37 -21.33 -4.23
CA GLY A 204 -15.54 -22.52 -4.11
C GLY A 204 -14.45 -22.72 -5.15
N ASP A 205 -14.29 -21.76 -6.06
CA ASP A 205 -13.22 -21.82 -7.06
C ASP A 205 -11.88 -21.50 -6.41
N ASP A 206 -10.82 -22.11 -6.94
CA ASP A 206 -9.45 -21.76 -6.58
C ASP A 206 -9.02 -20.49 -7.32
N VAL A 207 -8.91 -19.37 -6.60
CA VAL A 207 -8.39 -18.15 -7.19
C VAL A 207 -6.88 -18.14 -7.05
N LYS A 208 -6.18 -18.35 -8.16
CA LYS A 208 -4.72 -18.42 -8.14
C LYS A 208 -4.11 -17.03 -8.03
N LEU A 209 -2.89 -16.97 -7.48
CA LEU A 209 -2.18 -15.73 -7.33
C LEU A 209 -1.09 -15.60 -8.38
N VAL A 210 -1.08 -14.45 -9.04
CA VAL A 210 0.01 -14.07 -9.91
C VAL A 210 0.64 -12.91 -9.17
N LYS A 211 1.97 -12.92 -9.06
CA LYS A 211 2.63 -11.84 -8.34
C LYS A 211 2.81 -10.62 -9.26
N GLY A 212 2.47 -9.46 -8.72
CA GLY A 212 2.53 -8.23 -9.49
C GLY A 212 3.87 -7.53 -9.35
N GLU A 213 3.83 -6.21 -9.39
CA GLU A 213 5.00 -5.40 -9.13
C GLU A 213 4.62 -4.24 -8.23
N ILE A 214 5.60 -3.75 -7.47
CA ILE A 214 5.44 -2.54 -6.65
C ILE A 214 5.04 -1.33 -7.54
N PHE A 215 5.56 -1.30 -8.76
CA PHE A 215 5.25 -0.23 -9.71
C PHE A 215 3.96 -0.42 -10.52
N ASN A 216 3.27 -1.55 -10.37
CA ASN A 216 1.95 -1.73 -10.98
C ASN A 216 0.86 -0.89 -10.27
N ILE A 217 1.11 0.40 -10.11
CA ILE A 217 0.22 1.25 -9.35
C ILE A 217 -0.97 1.76 -10.16
N LYS A 218 -2.01 2.10 -9.41
CA LYS A 218 -3.25 2.64 -9.94
CA LYS A 218 -3.25 2.64 -9.93
C LYS A 218 -3.13 4.16 -9.90
N ILE A 219 -3.26 4.81 -11.05
CA ILE A 219 -3.11 6.27 -11.12
C ILE A 219 -4.45 6.98 -10.88
N THR A 220 -4.75 7.22 -9.60
CA THR A 220 -5.93 7.97 -9.20
C THR A 220 -5.54 9.36 -8.71
N THR A 221 -5.13 9.46 -7.45
CA THR A 221 -4.77 10.73 -6.78
C THR A 221 -3.64 11.52 -7.48
N PRO A 222 -3.54 12.85 -7.21
CA PRO A 222 -2.36 13.60 -7.67
C PRO A 222 -1.07 13.11 -7.02
N TYR A 223 -1.20 12.50 -5.83
CA TYR A 223 -0.15 11.71 -5.22
C TYR A 223 0.28 10.59 -6.18
N ASP A 224 -0.69 9.76 -6.61
CA ASP A 224 -0.45 8.64 -7.52
C ASP A 224 0.10 9.02 -8.91
N LEU A 225 -0.18 10.26 -9.34
CA LEU A 225 0.21 10.72 -10.67
C LEU A 225 1.70 10.96 -10.80
N LYS A 226 2.31 11.55 -9.78
CA LYS A 226 3.74 11.84 -9.87
C LYS A 226 4.61 10.68 -9.38
N VAL A 227 4.00 9.78 -8.61
CA VAL A 227 4.52 8.43 -8.35
C VAL A 227 4.72 7.67 -9.68
N ALA A 228 3.78 7.83 -10.61
CA ALA A 228 3.89 7.33 -11.99
C ALA A 228 4.92 8.09 -12.83
N ASN A 229 5.08 9.37 -12.51
CA ASN A 229 6.09 10.20 -13.18
C ASN A 229 7.48 9.86 -12.68
N ALA A 230 7.55 9.35 -11.46
CA ALA A 230 8.79 8.83 -10.88
C ALA A 230 9.31 7.58 -11.62
N ILE A 231 8.37 6.77 -12.10
CA ILE A 231 8.67 5.49 -12.75
C ILE A 231 9.12 5.65 -14.20
N ILE A 232 8.45 6.54 -14.95
CA ILE A 232 8.59 6.62 -16.40
C ILE A 232 9.88 7.29 -16.94
N GLN A 233 10.40 8.30 -16.24
CA GLN A 233 11.55 9.08 -16.71
CA GLN A 233 11.54 9.07 -16.75
C GLN A 233 12.88 8.32 -16.69
N GLU A 234 13.07 7.51 -15.67
CA GLU A 234 14.32 6.74 -15.51
C GLU A 234 14.46 5.60 -16.52
N ARG A 235 13.35 5.09 -17.03
CA ARG A 235 13.37 3.88 -17.87
C ARG A 235 13.80 4.09 -19.33
N ILE A 236 13.68 5.32 -19.83
CA ILE A 236 13.98 5.62 -21.24
C ILE A 236 15.46 5.45 -21.59
N SER B 2 4.91 12.84 34.77
CA SER B 2 4.41 12.56 33.40
C SER B 2 5.20 13.36 32.35
N LEU B 3 6.36 12.83 31.98
CA LEU B 3 7.22 13.42 30.96
C LEU B 3 7.06 12.71 29.62
N ILE B 4 7.17 13.48 28.54
CA ILE B 4 6.88 13.00 27.19
C ILE B 4 8.16 12.95 26.36
N TYR B 5 8.46 11.76 25.83
CA TYR B 5 9.71 11.51 25.12
C TYR B 5 9.44 11.12 23.67
N ALA B 6 10.38 11.42 22.79
CA ALA B 6 10.32 10.95 21.42
C ALA B 6 11.53 10.07 21.11
N GLN B 7 11.31 9.00 20.34
CA GLN B 7 12.42 8.17 19.83
C GLN B 7 12.36 8.01 18.32
N ILE B 8 13.38 8.49 17.63
CA ILE B 8 13.44 8.41 16.18
C ILE B 8 14.43 7.32 15.79
N LEU B 9 13.97 6.32 15.06
CA LEU B 9 14.75 5.13 14.77
C LEU B 9 14.49 4.55 13.38
N ALA B 10 15.43 3.75 12.87
CA ALA B 10 15.25 3.05 11.59
C ALA B 10 16.13 1.81 11.47
N GLY B 11 15.54 0.73 10.97
CA GLY B 11 16.28 -0.52 10.77
C GLY B 11 16.09 -1.49 11.92
N MET B 17 21.15 -3.67 3.63
CA MET B 17 21.97 -4.61 2.86
C MET B 17 23.11 -5.16 3.69
N GLY B 18 22.91 -6.37 4.21
CA GLY B 18 23.92 -7.10 4.98
C GLY B 18 24.46 -6.41 6.22
N ASN B 19 23.63 -5.55 6.82
CA ASN B 19 23.93 -4.79 8.05
C ASN B 19 25.07 -3.75 7.94
N VAL B 20 25.50 -3.44 6.71
CA VAL B 20 26.69 -2.59 6.47
C VAL B 20 26.40 -1.28 5.74
N SER B 21 25.29 -1.23 5.00
CA SER B 21 24.93 -0.05 4.21
C SER B 21 24.57 1.15 5.09
N MET B 22 24.80 2.34 4.53
CA MET B 22 24.53 3.62 5.22
C MET B 22 23.04 3.77 5.48
N PRO B 23 22.66 4.15 6.71
CA PRO B 23 21.24 4.42 6.99
C PRO B 23 20.64 5.39 5.97
N LYS B 24 19.49 5.03 5.42
CA LYS B 24 18.85 5.82 4.37
C LYS B 24 18.38 7.20 4.80
N GLN B 25 18.23 7.40 6.10
CA GLN B 25 17.79 8.67 6.66
C GLN B 25 18.86 9.75 6.53
N PHE B 26 20.07 9.33 6.16
CA PHE B 26 21.17 10.27 5.92
C PHE B 26 21.19 10.79 4.48
N LEU B 27 20.38 10.17 3.62
CA LEU B 27 20.22 10.61 2.23
C LEU B 27 19.54 11.98 2.16
N PRO B 28 20.01 12.85 1.26
CA PRO B 28 19.39 14.16 1.05
C PRO B 28 18.02 14.11 0.39
N LEU B 29 17.19 15.06 0.77
CA LEU B 29 15.87 15.22 0.21
C LEU B 29 15.71 16.72 0.10
N ASN B 30 15.64 17.22 -1.13
CA ASN B 30 15.64 18.66 -1.40
C ASN B 30 16.76 19.42 -0.65
N GLY B 31 17.97 18.90 -0.73
CA GLY B 31 19.12 19.60 -0.16
C GLY B 31 19.49 19.33 1.29
N LYS B 32 18.70 18.52 1.99
CA LYS B 32 19.00 18.23 3.39
C LYS B 32 18.62 16.81 3.81
N PRO B 33 19.39 16.22 4.74
CA PRO B 33 19.16 14.83 5.17
C PRO B 33 17.73 14.54 5.59
N ILE B 34 17.24 13.34 5.24
CA ILE B 34 15.89 12.89 5.59
C ILE B 34 15.64 12.96 7.10
N ILE B 35 16.62 12.52 7.88
CA ILE B 35 16.59 12.63 9.34
C ILE B 35 16.26 14.05 9.84
N VAL B 36 16.80 15.09 9.18
CA VAL B 36 16.56 16.48 9.58
C VAL B 36 15.11 16.91 9.37
N HIS B 37 14.56 16.64 8.18
CA HIS B 37 13.12 16.78 7.92
C HIS B 37 12.26 16.14 9.01
N THR B 38 12.60 14.91 9.39
CA THR B 38 11.85 14.17 10.41
C THR B 38 11.97 14.80 11.81
N VAL B 39 13.20 15.11 12.21
CA VAL B 39 13.49 15.67 13.53
C VAL B 39 12.86 17.07 13.71
N GLU B 40 12.82 17.85 12.63
CA GLU B 40 12.21 19.18 12.61
C GLU B 40 10.75 19.17 13.08
N LYS B 41 10.00 18.17 12.65
CA LYS B 41 8.61 17.95 13.06
C LYS B 41 8.45 17.74 14.57
N PHE B 42 9.37 17.01 15.18
CA PHE B 42 9.32 16.71 16.62
C PHE B 42 9.72 17.91 17.49
N ILE B 43 10.69 18.68 17.00
CA ILE B 43 11.14 19.91 17.66
C ILE B 43 10.07 21.00 17.71
N LEU B 44 9.25 21.07 16.68
CA LEU B 44 8.10 21.97 16.65
C LEU B 44 7.01 21.61 17.67
N ASN B 45 7.06 20.38 18.18
CA ASN B 45 6.21 20.01 19.30
C ASN B 45 6.91 20.32 20.60
N THR B 46 6.32 21.26 21.34
CA THR B 46 6.90 21.77 22.58
C THR B 46 6.70 20.84 23.78
N ARG B 47 5.85 19.83 23.62
CA ARG B 47 5.54 18.90 24.71
C ARG B 47 6.59 17.82 24.97
N PHE B 48 7.48 17.58 23.98
CA PHE B 48 8.60 16.66 24.20
C PHE B 48 9.66 17.22 25.11
N ASP B 49 10.12 16.38 26.01
CA ASP B 49 11.16 16.75 26.95
C ASP B 49 12.53 16.34 26.41
N LYS B 50 12.62 15.13 25.86
CA LYS B 50 13.81 14.69 25.12
CA LYS B 50 13.80 14.69 25.11
C LYS B 50 13.42 13.99 23.82
N ILE B 51 14.21 14.24 22.77
CA ILE B 51 14.02 13.63 21.48
C ILE B 51 15.24 12.76 21.25
N LEU B 52 15.06 11.44 21.42
CA LEU B 52 16.15 10.49 21.23
C LEU B 52 16.25 10.13 19.75
N ILE B 53 17.46 10.17 19.22
CA ILE B 53 17.72 9.69 17.86
C ILE B 53 18.60 8.45 17.96
N SER B 54 18.07 7.31 17.52
CA SER B 54 18.79 6.06 17.61
C SER B 54 19.61 5.80 16.37
N SER B 55 20.86 5.36 16.58
CA SER B 55 21.82 5.14 15.50
C SER B 55 22.68 3.92 15.79
N PRO B 56 23.03 3.14 14.76
CA PRO B 56 24.09 2.11 14.87
C PRO B 56 25.41 2.75 15.31
N LYS B 57 26.22 1.99 16.05
CA LYS B 57 27.43 2.51 16.69
CA LYS B 57 27.43 2.52 16.69
C LYS B 57 28.35 3.30 15.76
N GLU B 58 28.59 2.76 14.56
CA GLU B 58 29.49 3.39 13.59
C GLU B 58 28.96 4.69 12.95
N TRP B 59 27.64 4.91 13.03
CA TRP B 59 27.04 6.13 12.46
C TRP B 59 26.66 7.18 13.50
N MET B 60 26.90 6.88 14.78
CA MET B 60 26.55 7.78 15.88
C MET B 60 27.20 9.15 15.76
N ASN B 61 28.51 9.16 15.53
CA ASN B 61 29.29 10.40 15.40
C ASN B 61 28.80 11.24 14.24
N HIS B 62 28.49 10.58 13.12
CA HIS B 62 27.96 11.28 11.97
C HIS B 62 26.59 11.86 12.26
N ALA B 63 25.72 11.05 12.87
CA ALA B 63 24.38 11.46 13.26
C ALA B 63 24.35 12.69 14.17
N GLU B 64 25.19 12.69 15.22
CA GLU B 64 25.22 13.82 16.14
C GLU B 64 25.82 15.12 15.54
N ASP B 65 26.84 14.97 14.69
CA ASP B 65 27.44 16.11 14.02
C ASP B 65 26.55 16.68 12.91
N ASN B 66 25.82 15.78 12.24
CA ASN B 66 24.94 16.16 11.15
C ASN B 66 23.66 16.89 11.60
N ILE B 67 23.00 16.38 12.65
CA ILE B 67 21.80 17.02 13.20
C ILE B 67 22.10 18.42 13.75
N LYS B 68 23.21 18.52 14.49
CA LYS B 68 23.65 19.78 15.11
C LYS B 68 23.95 20.94 14.14
N LYS B 69 24.38 20.63 12.92
CA LYS B 69 24.60 21.70 11.96
C LYS B 69 23.30 22.24 11.35
N TYR B 70 22.21 21.46 11.39
CA TYR B 70 20.91 21.92 10.90
C TYR B 70 19.95 22.33 12.02
N ILE B 71 20.02 21.66 13.16
CA ILE B 71 19.13 21.97 14.29
C ILE B 71 19.88 22.18 15.60
N SER B 72 19.63 23.32 16.23
CA SER B 72 20.30 23.68 17.49
C SER B 72 19.36 23.61 18.69
N ASP B 73 18.54 22.56 18.75
CA ASP B 73 17.66 22.31 19.90
C ASP B 73 18.36 21.46 20.94
N ASP B 74 18.16 21.82 22.21
N ASP B 74 18.15 21.82 22.21
CA ASP B 74 18.88 21.23 23.35
CA ASP B 74 18.88 21.22 23.33
C ASP B 74 18.41 19.83 23.74
C ASP B 74 18.44 19.79 23.68
N ARG B 75 17.20 19.46 23.35
CA ARG B 75 16.63 18.17 23.76
C ARG B 75 16.91 16.98 22.82
N ILE B 76 17.73 17.20 21.80
CA ILE B 76 18.21 16.14 20.89
C ILE B 76 19.39 15.38 21.50
N VAL B 77 19.21 14.08 21.69
CA VAL B 77 20.28 13.18 22.14
C VAL B 77 20.39 11.96 21.21
N VAL B 78 21.59 11.74 20.69
CA VAL B 78 21.87 10.58 19.85
C VAL B 78 22.29 9.40 20.73
N ILE B 79 21.54 8.31 20.65
CA ILE B 79 21.84 7.09 21.40
C ILE B 79 22.10 5.89 20.49
N GLU B 80 22.61 4.82 21.09
CA GLU B 80 23.05 3.64 20.35
C GLU B 80 21.86 2.69 20.14
N GLY B 81 21.73 2.20 18.91
CA GLY B 81 20.67 1.27 18.55
C GLY B 81 20.94 -0.16 18.99
N GLY B 82 19.91 -1.00 18.85
CA GLY B 82 20.00 -2.44 19.08
C GLY B 82 19.85 -3.20 17.77
N GLU B 83 19.76 -4.53 17.87
CA GLU B 83 19.64 -5.38 16.68
C GLU B 83 18.22 -5.41 16.13
N ASP B 84 17.26 -5.65 17.01
CA ASP B 84 15.84 -5.59 16.68
C ASP B 84 15.43 -4.12 16.74
N ARG B 85 14.32 -3.78 16.08
CA ARG B 85 13.65 -2.50 16.28
C ARG B 85 13.12 -2.42 17.71
N ASN B 86 12.63 -3.55 18.21
CA ASN B 86 12.17 -3.68 19.59
C ASN B 86 13.28 -3.45 20.61
N GLU B 87 14.42 -4.13 20.43
CA GLU B 87 15.59 -3.93 21.29
C GLU B 87 16.10 -2.49 21.30
N THR B 88 16.08 -1.85 20.12
CA THR B 88 16.40 -0.42 20.01
C THR B 88 15.45 0.44 20.86
N ILE B 89 14.14 0.12 20.82
CA ILE B 89 13.15 0.80 21.68
C ILE B 89 13.46 0.57 23.17
N MET B 90 13.77 -0.69 23.53
CA MET B 90 14.13 -1.05 24.91
C MET B 90 15.39 -0.34 25.40
N ASN B 91 16.35 -0.15 24.49
CA ASN B 91 17.56 0.64 24.73
C ASN B 91 17.25 2.12 24.96
N GLY B 92 16.16 2.59 24.35
CA GLY B 92 15.69 3.96 24.54
C GLY B 92 15.05 4.15 25.90
N ILE B 93 14.32 3.13 26.34
CA ILE B 93 13.71 3.13 27.68
C ILE B 93 14.77 2.99 28.78
N ARG B 94 15.76 2.11 28.53
CA ARG B 94 16.92 1.94 29.44
C ARG B 94 17.81 3.18 29.52
N PHE B 95 17.84 3.98 28.45
CA PHE B 95 18.59 5.23 28.45
C PHE B 95 17.90 6.29 29.32
N VAL B 96 16.58 6.43 29.16
CA VAL B 96 15.77 7.38 29.92
C VAL B 96 15.84 7.10 31.43
N GLU B 97 15.76 5.82 31.79
CA GLU B 97 15.85 5.35 33.18
C GLU B 97 17.18 5.70 33.86
N LYS B 98 18.28 5.42 33.18
CA LYS B 98 19.62 5.67 33.69
C LYS B 98 19.92 7.18 33.79
N THR B 99 19.53 7.93 32.78
CA THR B 99 19.87 9.35 32.69
C THR B 99 18.88 10.27 33.43
N TYR B 100 17.58 10.05 33.22
CA TYR B 100 16.57 11.00 33.72
C TYR B 100 15.64 10.41 34.78
N GLY B 101 15.59 9.08 34.86
CA GLY B 101 14.67 8.40 35.77
C GLY B 101 13.29 8.18 35.16
N LEU B 102 12.68 7.04 35.47
CA LEU B 102 11.35 6.71 34.97
C LEU B 102 10.26 6.87 36.02
N THR B 103 9.05 7.22 35.56
CA THR B 103 7.83 7.12 36.37
C THR B 103 6.82 6.22 35.65
N ASP B 104 5.64 6.07 36.24
CA ASP B 104 4.59 5.20 35.69
C ASP B 104 3.78 5.87 34.58
N ASP B 105 3.93 7.20 34.44
CA ASP B 105 3.16 7.98 33.48
C ASP B 105 3.97 8.50 32.29
N ASP B 106 5.23 8.07 32.20
CA ASP B 106 6.11 8.51 31.13
C ASP B 106 5.81 7.78 29.82
N ILE B 107 5.59 8.56 28.76
CA ILE B 107 5.25 8.02 27.44
C ILE B 107 6.31 8.30 26.37
N ILE B 108 6.47 7.36 25.44
CA ILE B 108 7.41 7.50 24.34
C ILE B 108 6.69 7.47 22.99
N VAL B 109 7.03 8.42 22.11
CA VAL B 109 6.52 8.42 20.73
C VAL B 109 7.65 7.92 19.80
N THR B 110 7.60 6.65 19.42
CA THR B 110 8.59 6.06 18.52
C THR B 110 8.18 6.27 17.07
N HIS B 111 9.14 6.59 16.21
CA HIS B 111 8.84 6.92 14.81
C HIS B 111 10.01 6.61 13.86
N ASP B 112 9.70 6.22 12.63
CA ASP B 112 10.70 5.97 11.59
C ASP B 112 11.42 7.26 11.17
N ALA B 113 12.73 7.25 11.26
CA ALA B 113 13.58 8.32 10.72
C ALA B 113 13.30 8.63 9.25
N VAL B 114 12.92 7.61 8.49
CA VAL B 114 12.63 7.72 7.05
C VAL B 114 11.15 8.04 6.72
N ARG B 115 10.40 8.49 7.73
CA ARG B 115 9.08 9.06 7.52
C ARG B 115 9.04 10.55 7.84
N PRO B 116 9.50 11.40 6.90
CA PRO B 116 9.65 12.80 7.20
C PRO B 116 8.38 13.65 7.08
N PHE B 117 7.31 13.06 6.53
CA PHE B 117 6.11 13.83 6.19
C PHE B 117 4.97 13.78 7.20
N LEU B 118 5.23 13.24 8.37
CA LEU B 118 4.24 13.25 9.45
C LEU B 118 3.83 14.69 9.81
N THR B 119 2.59 14.84 10.24
CA THR B 119 2.03 16.17 10.52
C THR B 119 2.00 16.45 12.02
N HIS B 120 1.76 17.72 12.38
CA HIS B 120 1.62 18.13 13.78
C HIS B 120 0.46 17.41 14.46
N ARG B 121 -0.62 17.25 13.70
CA ARG B 121 -1.81 16.52 14.12
C ARG B 121 -1.48 15.09 14.54
N ILE B 122 -0.78 14.36 13.68
CA ILE B 122 -0.35 12.98 13.96
C ILE B 122 0.45 12.86 15.26
N ILE B 123 1.43 13.74 15.44
CA ILE B 123 2.24 13.76 16.68
C ILE B 123 1.40 14.08 17.93
N GLU B 124 0.54 15.10 17.84
CA GLU B 124 -0.29 15.53 18.97
C GLU B 124 -1.27 14.46 19.43
N GLU B 125 -1.96 13.83 18.48
CA GLU B 125 -2.91 12.76 18.75
C GLU B 125 -2.22 11.51 19.31
N ASN B 126 -0.97 11.27 18.88
CA ASN B 126 -0.15 10.17 19.38
C ASN B 126 0.25 10.37 20.85
N ILE B 127 0.54 11.62 21.21
CA ILE B 127 0.84 11.97 22.59
C ILE B 127 -0.40 11.80 23.47
N ASP B 128 -1.53 12.34 23.03
CA ASP B 128 -2.79 12.30 23.79
C ASP B 128 -3.30 10.88 24.01
N ALA B 129 -3.18 10.04 22.98
CA ALA B 129 -3.63 8.66 23.06
C ALA B 129 -2.70 7.75 23.87
N ALA B 130 -1.42 8.11 23.96
CA ALA B 130 -0.49 7.34 24.79
C ALA B 130 -0.70 7.63 26.27
N LEU B 131 -1.11 8.85 26.59
CA LEU B 131 -1.45 9.24 27.97
C LEU B 131 -2.75 8.58 28.43
N GLU B 132 -3.69 8.43 27.50
CA GLU B 132 -4.98 7.79 27.76
C GLU B 132 -4.86 6.27 27.98
N THR B 133 -4.46 5.54 26.94
CA THR B 133 -4.50 4.06 26.96
C THR B 133 -3.14 3.36 27.03
N GLY B 134 -2.06 4.10 26.76
CA GLY B 134 -0.71 3.55 26.88
C GLY B 134 -0.17 2.77 25.70
N ALA B 135 -0.93 2.72 24.61
CA ALA B 135 -0.52 2.05 23.38
C ALA B 135 -1.29 2.65 22.22
N VAL B 136 -0.57 3.12 21.21
CA VAL B 136 -1.18 3.68 20.00
C VAL B 136 -0.44 3.29 18.70
N ASP B 137 -1.21 3.09 17.64
CA ASP B 137 -0.66 2.85 16.31
C ASP B 137 -1.22 3.89 15.35
N THR B 138 -0.36 4.36 14.46
CA THR B 138 -0.76 5.29 13.40
C THR B 138 -1.08 4.46 12.16
N VAL B 139 -2.30 4.62 11.64
CA VAL B 139 -2.80 3.80 10.54
C VAL B 139 -3.53 4.63 9.48
N ILE B 140 -3.60 4.11 8.26
CA ILE B 140 -4.52 4.64 7.24
C ILE B 140 -5.38 3.50 6.72
N GLU B 141 -6.61 3.80 6.33
CA GLU B 141 -7.47 2.91 5.55
C GLU B 141 -6.69 2.29 4.40
N ALA B 142 -6.76 0.97 4.27
CA ALA B 142 -6.04 0.24 3.24
C ALA B 142 -6.38 0.75 1.83
N LEU B 143 -5.33 1.23 1.16
CA LEU B 143 -5.38 1.75 -0.19
C LEU B 143 -5.79 0.68 -1.20
N ASP B 144 -5.30 -0.53 -1.01
CA ASP B 144 -5.62 -1.65 -1.87
C ASP B 144 -6.48 -2.68 -1.14
N THR B 145 -7.16 -3.53 -1.92
CA THR B 145 -7.86 -4.70 -1.42
C THR B 145 -6.86 -5.62 -0.77
N ILE B 146 -7.09 -5.94 0.50
CA ILE B 146 -6.22 -6.88 1.21
C ILE B 146 -6.70 -8.30 0.94
N VAL B 147 -5.80 -9.14 0.44
CA VAL B 147 -6.09 -10.56 0.25
C VAL B 147 -5.21 -11.40 1.17
N GLU B 148 -5.82 -12.42 1.78
CA GLU B 148 -5.11 -13.33 2.68
C GLU B 148 -4.78 -14.62 1.95
N SER B 149 -3.55 -15.08 2.10
CA SER B 149 -3.15 -16.37 1.59
C SER B 149 -2.18 -17.06 2.54
N SER B 150 -2.64 -18.15 3.14
CA SER B 150 -1.85 -18.97 4.06
C SER B 150 -0.77 -19.76 3.32
N ASN B 151 -1.18 -20.40 2.22
CA ASN B 151 -0.28 -21.27 1.42
C ASN B 151 0.52 -20.54 0.34
N HIS B 152 0.22 -19.25 0.14
CA HIS B 152 0.88 -18.37 -0.83
C HIS B 152 0.71 -18.74 -2.31
N GLU B 153 -0.31 -19.53 -2.62
CA GLU B 153 -0.61 -19.89 -4.00
C GLU B 153 -2.02 -19.49 -4.41
N VAL B 154 -2.98 -19.68 -3.50
CA VAL B 154 -4.38 -19.32 -3.72
C VAL B 154 -4.93 -18.41 -2.61
N ILE B 155 -5.98 -17.65 -2.93
CA ILE B 155 -6.67 -16.82 -1.93
C ILE B 155 -7.37 -17.70 -0.90
N THR B 156 -7.03 -17.48 0.38
CA THR B 156 -7.73 -18.15 1.47
C THR B 156 -8.88 -17.29 1.99
N ASP B 157 -8.69 -15.97 1.99
CA ASP B 157 -9.74 -15.02 2.36
C ASP B 157 -9.50 -13.65 1.75
N ILE B 158 -10.58 -12.92 1.52
CA ILE B 158 -10.56 -11.48 1.26
C ILE B 158 -11.46 -10.85 2.32
N PRO B 159 -10.85 -10.36 3.42
CA PRO B 159 -11.57 -9.77 4.56
C PRO B 159 -12.31 -8.47 4.21
N VAL B 160 -13.25 -8.09 5.07
CA VAL B 160 -14.08 -6.91 4.87
C VAL B 160 -13.20 -5.66 4.78
N ARG B 161 -13.47 -4.84 3.77
CA ARG B 161 -12.63 -3.71 3.40
C ARG B 161 -12.43 -2.66 4.51
N ASP B 162 -13.52 -2.25 5.16
CA ASP B 162 -13.45 -1.19 6.18
C ASP B 162 -12.78 -1.62 7.48
N HIS B 163 -12.53 -2.91 7.61
CA HIS B 163 -11.76 -3.48 8.71
C HIS B 163 -10.26 -3.29 8.50
N MET B 164 -9.84 -3.17 7.23
CA MET B 164 -8.43 -3.23 6.87
C MET B 164 -7.71 -1.88 6.89
N TYR B 165 -6.60 -1.84 7.61
CA TYR B 165 -5.80 -0.63 7.78
C TYR B 165 -4.35 -0.91 7.47
N GLN B 166 -3.65 0.12 7.00
CA GLN B 166 -2.22 0.02 6.71
C GLN B 166 -1.45 0.70 7.81
N GLY B 167 -0.49 0.00 8.40
CA GLY B 167 0.30 0.51 9.50
C GLY B 167 1.39 1.49 9.07
N GLN B 168 1.45 2.60 9.77
CA GLN B 168 2.51 3.59 9.61
C GLN B 168 3.16 3.74 10.98
N THR B 169 4.00 4.75 11.13
CA THR B 169 4.44 5.19 12.45
C THR B 169 4.09 6.67 12.53
N PRO B 170 4.10 7.28 13.74
CA PRO B 170 4.47 6.88 15.09
C PRO B 170 3.71 5.71 15.71
N GLN B 171 4.37 5.04 16.65
CA GLN B 171 3.71 4.13 17.56
C GLN B 171 4.10 4.62 18.93
N SER B 172 3.12 4.94 19.75
CA SER B 172 3.40 5.55 21.04
C SER B 172 2.93 4.65 22.18
N PHE B 173 3.70 4.65 23.25
CA PHE B 173 3.48 3.72 24.33
C PHE B 173 3.70 4.37 25.68
N ASN B 174 3.00 3.86 26.69
CA ASN B 174 3.45 3.98 28.08
C ASN B 174 4.75 3.19 28.18
N MET B 175 5.82 3.87 28.60
CA MET B 175 7.17 3.29 28.60
C MET B 175 7.35 2.06 29.47
N LYS B 176 6.81 2.10 30.69
CA LYS B 176 6.98 1.00 31.63
C LYS B 176 6.15 -0.22 31.21
N LYS B 177 4.91 0.03 30.81
CA LYS B 177 4.02 -0.98 30.22
C LYS B 177 4.65 -1.80 29.08
N VAL B 178 5.12 -1.12 28.03
CA VAL B 178 5.71 -1.81 26.88
C VAL B 178 7.04 -2.50 27.22
N PHE B 179 7.83 -1.89 28.11
CA PHE B 179 9.07 -2.52 28.59
C PHE B 179 8.78 -3.83 29.34
N ASN B 180 7.75 -3.81 30.19
CA ASN B 180 7.32 -5.01 30.91
C ASN B 180 6.73 -6.10 30.01
N HIS B 181 5.89 -5.70 29.05
CA HIS B 181 5.27 -6.64 28.10
C HIS B 181 6.30 -7.35 27.23
N TYR B 182 7.32 -6.63 26.79
CA TYR B 182 8.38 -7.20 25.95
C TYR B 182 9.25 -8.18 26.73
N GLN B 183 9.66 -7.81 27.94
CA GLN B 183 10.57 -8.64 28.76
C GLN B 183 9.95 -9.96 29.23
N ASN B 184 8.62 -10.00 29.30
CA ASN B 184 7.87 -11.18 29.70
C ASN B 184 7.81 -12.27 28.62
N LEU B 185 8.13 -11.88 27.39
CA LEU B 185 8.13 -12.79 26.24
C LEU B 185 9.28 -13.79 26.32
N THR B 186 9.04 -14.97 25.77
CA THR B 186 10.05 -16.02 25.64
C THR B 186 11.06 -15.61 24.54
N PRO B 187 12.32 -16.12 24.61
CA PRO B 187 13.34 -15.83 23.59
C PRO B 187 12.89 -16.04 22.15
N GLU B 188 12.08 -17.07 21.91
CA GLU B 188 11.55 -17.39 20.58
CA GLU B 188 11.57 -17.37 20.58
C GLU B 188 10.50 -16.36 20.14
N LYS B 189 9.68 -15.93 21.10
CA LYS B 189 8.56 -15.01 20.85
C LYS B 189 9.00 -13.57 20.62
N LYS B 190 10.18 -13.21 21.10
CA LYS B 190 10.79 -11.91 20.81
C LYS B 190 11.24 -11.81 19.35
N GLN B 191 11.68 -12.94 18.79
CA GLN B 191 12.07 -13.04 17.39
C GLN B 191 10.89 -12.96 16.42
N ILE B 192 9.76 -13.56 16.81
CA ILE B 192 8.55 -13.59 15.96
C ILE B 192 7.83 -12.24 15.96
N LEU B 193 7.60 -11.70 17.15
CA LEU B 193 6.81 -10.48 17.34
C LEU B 193 7.65 -9.22 17.11
N THR B 194 7.70 -8.79 15.85
CA THR B 194 8.50 -7.65 15.41
C THR B 194 7.81 -6.32 15.72
N ASP B 195 6.48 -6.32 15.60
CA ASP B 195 5.65 -5.16 15.89
C ASP B 195 5.41 -5.03 17.40
N ALA B 196 5.76 -3.87 17.94
CA ALA B 196 5.59 -3.61 19.37
C ALA B 196 4.13 -3.36 19.77
N CYS B 197 3.32 -2.93 18.81
CA CYS B 197 1.89 -2.75 19.01
C CYS B 197 1.13 -4.06 19.17
N LYS B 198 1.61 -5.11 18.48
CA LYS B 198 1.03 -6.44 18.57
C LYS B 198 1.30 -7.11 19.91
N ILE B 199 2.48 -6.83 20.49
CA ILE B 199 2.87 -7.33 21.81
C ILE B 199 1.89 -6.85 22.90
N CYS B 200 1.53 -5.56 22.83
CA CYS B 200 0.55 -4.97 23.71
C CYS B 200 -0.85 -5.54 23.48
N LEU B 201 -1.16 -5.80 22.21
CA LEU B 201 -2.44 -6.42 21.83
C LEU B 201 -2.58 -7.84 22.40
N LEU B 202 -1.50 -8.62 22.32
CA LEU B 202 -1.49 -10.00 22.81
C LEU B 202 -1.37 -10.12 24.34
N ALA B 203 -1.07 -9.00 24.99
CA ALA B 203 -1.03 -8.95 26.45
C ALA B 203 -2.34 -8.40 27.02
N GLY B 204 -3.16 -7.80 26.16
CA GLY B 204 -4.48 -7.31 26.56
C GLY B 204 -4.66 -5.81 26.68
N ASP B 205 -3.65 -5.05 26.28
CA ASP B 205 -3.76 -3.59 26.23
C ASP B 205 -4.59 -3.17 25.03
N ASP B 206 -5.33 -2.07 25.19
CA ASP B 206 -6.02 -1.45 24.07
C ASP B 206 -5.03 -0.58 23.31
N VAL B 207 -4.82 -0.92 22.04
CA VAL B 207 -3.97 -0.11 21.16
C VAL B 207 -4.88 0.77 20.32
N LYS B 208 -4.97 2.04 20.70
CA LYS B 208 -5.81 3.01 20.00
C LYS B 208 -5.23 3.35 18.63
N LEU B 209 -6.11 3.77 17.71
CA LEU B 209 -5.71 4.16 16.38
C LEU B 209 -5.67 5.67 16.26
N VAL B 210 -4.64 6.16 15.60
CA VAL B 210 -4.55 7.56 15.20
C VAL B 210 -4.47 7.49 13.69
N LYS B 211 -5.29 8.29 13.00
CA LYS B 211 -5.28 8.24 11.54
C LYS B 211 -4.06 8.99 10.98
N GLY B 212 -3.39 8.35 10.03
CA GLY B 212 -2.19 8.91 9.42
C GLY B 212 -2.51 9.72 8.19
N GLU B 213 -1.57 9.73 7.25
CA GLU B 213 -1.80 10.36 5.97
C GLU B 213 -1.27 9.47 4.87
N ILE B 214 -1.85 9.60 3.68
CA ILE B 214 -1.40 8.90 2.47
C ILE B 214 0.07 9.26 2.16
N PHE B 215 0.43 10.51 2.40
CA PHE B 215 1.80 10.98 2.17
C PHE B 215 2.80 10.68 3.29
N ASN B 216 2.36 10.09 4.40
CA ASN B 216 3.27 9.70 5.49
C ASN B 216 4.06 8.43 5.13
N ILE B 217 4.78 8.47 4.01
CA ILE B 217 5.43 7.26 3.49
C ILE B 217 6.81 7.01 4.08
N LYS B 218 7.20 5.75 4.06
CA LYS B 218 8.51 5.30 4.48
C LYS B 218 9.44 5.35 3.27
N ILE B 219 10.53 6.10 3.37
CA ILE B 219 11.46 6.27 2.26
C ILE B 219 12.56 5.21 2.29
N THR B 220 12.36 4.14 1.53
CA THR B 220 13.34 3.08 1.42
C THR B 220 13.83 2.94 -0.03
N THR B 221 13.01 2.33 -0.87
CA THR B 221 13.33 2.05 -2.27
C THR B 221 13.53 3.32 -3.11
N PRO B 222 14.23 3.21 -4.28
CA PRO B 222 14.25 4.34 -5.23
C PRO B 222 12.85 4.67 -5.75
N TYR B 223 11.94 3.68 -5.70
CA TYR B 223 10.51 3.93 -5.87
C TYR B 223 10.06 4.92 -4.80
N ASP B 224 10.19 4.54 -3.53
CA ASP B 224 9.79 5.36 -2.37
C ASP B 224 10.46 6.74 -2.31
N LEU B 225 11.68 6.84 -2.86
CA LEU B 225 12.44 8.08 -2.83
C LEU B 225 11.84 9.16 -3.70
N LYS B 226 11.35 8.79 -4.89
CA LYS B 226 10.79 9.79 -5.79
C LYS B 226 9.27 9.96 -5.59
N VAL B 227 8.64 8.98 -4.96
CA VAL B 227 7.32 9.14 -4.33
C VAL B 227 7.38 10.31 -3.31
N ALA B 228 8.47 10.38 -2.54
CA ALA B 228 8.76 11.49 -1.63
C ALA B 228 9.07 12.82 -2.35
N ASN B 229 9.71 12.71 -3.52
CA ASN B 229 10.05 13.88 -4.33
C ASN B 229 8.83 14.44 -5.04
N ALA B 230 7.83 13.57 -5.22
CA ALA B 230 6.51 13.95 -5.73
C ALA B 230 5.73 14.84 -4.75
N ILE B 231 6.08 14.77 -3.47
CA ILE B 231 5.38 15.46 -2.40
C ILE B 231 5.97 16.83 -2.09
N ILE B 232 7.29 16.89 -2.01
CA ILE B 232 8.01 18.05 -1.47
C ILE B 232 8.00 19.32 -2.36
N GLN B 233 7.90 19.14 -3.68
CA GLN B 233 8.07 20.25 -4.63
C GLN B 233 6.83 21.14 -4.77
N GLU B 234 5.65 20.54 -4.71
CA GLU B 234 4.38 21.28 -4.77
C GLU B 234 4.08 22.06 -3.49
N ARG B 235 4.69 21.66 -2.38
CA ARG B 235 4.40 22.19 -1.05
C ARG B 235 4.80 23.64 -0.81
N ILE B 236 5.94 24.05 -1.37
CA ILE B 236 6.54 25.38 -1.14
C ILE B 236 5.68 26.54 -1.68
#